data_3MMV
#
_entry.id   3MMV
#
_cell.length_a   125.510
_cell.length_b   125.510
_cell.length_c   56.100
_cell.angle_alpha   90.00
_cell.angle_beta   90.00
_cell.angle_gamma   120.00
#
_symmetry.space_group_name_H-M   'P 65'
#
loop_
_entity.id
_entity.type
_entity.pdbx_description
1 polymer Actin-5C
2 polymer 'Protein spire'
3 non-polymer 'CALCIUM ION'
4 non-polymer "ADENOSINE-5'-TRIPHOSPHATE"
5 water water
#
loop_
_entity_poly.entity_id
_entity_poly.type
_entity_poly.pdbx_seq_one_letter_code
_entity_poly.pdbx_strand_id
1 'polypeptide(L)'
;DEEVAALVVDNGSGMCKAGFAGDDAPRAVFPSIVGRPRHQGVMVGMGQKDSYVGDEAQSKRGILTLKYPIEHGIVTNWDD
MEKIWHHTFYNELRVAPEEHPVLLTEAPLNPKANREKMTQIMFETFNTPAMYVAIQAVLSLYASGRTTGIVLDSGDGVSH
TVPIYEGYALPHAILRLDLAGRDLTDYLMKILTERGYSFTTTEEREIVRDIKEKLCYVALDFEQEMATAASSSSLEKSYE
LKDGQVITIGNERFRCPEALFQPSFLGMEACGIHETTYNSIMKCDVDIRKDLYANTVLSGGTTMYPGIADRMQKEITALA
PSTMKIKIIAPPERKYSVWIGGSILASLSTFQQMWISKQEYDESGPSIVHRKCF
;
A
2 'polypeptide(L)'
;(UNK)(UNK)(UNK)(UNK)(UNK)(UNK)(UNK)(UNK)(UNK)(UNK)(UNK)(UNK)(UNK)(UNK)(UNK)(UNK)
(UNK)(UNK)(UNK)
;
X
#
loop_
_chem_comp.id
_chem_comp.type
_chem_comp.name
_chem_comp.formula
ATP non-polymer ADENOSINE-5'-TRIPHOSPHATE 'C10 H16 N5 O13 P3'
CA non-polymer 'CALCIUM ION' 'Ca 2'
#
# COMPACT_ATOMS: atom_id res chain seq x y z
N VAL A 4 -4.01 -25.24 12.17
CA VAL A 4 -4.54 -24.03 12.87
C VAL A 4 -3.49 -22.89 12.98
N ALA A 5 -3.56 -21.96 12.02
CA ALA A 5 -2.65 -20.80 11.92
C ALA A 5 -3.36 -19.43 12.05
N ALA A 6 -2.57 -18.36 11.91
CA ALA A 6 -2.97 -16.97 12.24
C ALA A 6 -3.77 -16.24 11.14
N LEU A 7 -3.87 -14.91 11.27
CA LEU A 7 -4.66 -14.09 10.35
C LEU A 7 -3.97 -12.80 9.94
N VAL A 8 -4.10 -12.46 8.67
CA VAL A 8 -3.40 -11.34 8.07
C VAL A 8 -4.45 -10.44 7.46
N VAL A 9 -4.73 -9.34 8.15
CA VAL A 9 -5.64 -8.32 7.64
C VAL A 9 -4.90 -7.01 7.41
N ASP A 10 -4.73 -6.66 6.13
CA ASP A 10 -4.11 -5.39 5.73
C ASP A 10 -5.13 -4.38 5.23
N ASN A 11 -5.28 -3.30 5.99
CA ASN A 11 -6.23 -2.25 5.66
C ASN A 11 -5.57 -1.02 5.02
N GLY A 12 -6.08 -0.62 3.86
CA GLY A 12 -5.54 0.50 3.09
C GLY A 12 -6.65 1.46 2.68
N SER A 13 -6.29 2.61 2.11
CA SER A 13 -7.26 3.66 1.76
C SER A 13 -8.36 3.27 0.74
N GLY A 14 -8.09 2.25 -0.07
CA GLY A 14 -8.99 1.83 -1.13
C GLY A 14 -9.34 0.34 -1.13
N MET A 15 -8.40 -0.53 -0.74
CA MET A 15 -8.59 -2.01 -0.71
C MET A 15 -8.30 -2.67 0.63
N CYS A 16 -9.11 -3.65 0.98
CA CYS A 16 -8.76 -4.49 2.11
C CYS A 16 -8.25 -5.83 1.65
N LYS A 17 -7.08 -6.20 2.17
CA LYS A 17 -6.45 -7.44 1.77
C LYS A 17 -6.42 -8.37 2.98
N ALA A 18 -7.18 -9.46 2.89
CA ALA A 18 -7.36 -10.38 4.02
C ALA A 18 -6.99 -11.80 3.66
N GLY A 19 -6.51 -12.54 4.66
CA GLY A 19 -6.25 -13.97 4.52
C GLY A 19 -5.59 -14.59 5.76
N PHE A 20 -4.88 -15.70 5.56
CA PHE A 20 -4.34 -16.52 6.63
C PHE A 20 -2.83 -16.56 6.61
N ALA A 21 -2.18 -16.41 7.76
CA ALA A 21 -0.73 -16.59 7.83
C ALA A 21 -0.35 -17.99 7.35
N GLY A 22 0.61 -18.05 6.44
CA GLY A 22 1.08 -19.31 5.87
C GLY A 22 0.50 -19.56 4.51
N ASP A 23 -0.36 -18.67 4.06
CA ASP A 23 -0.72 -18.63 2.65
C ASP A 23 0.27 -17.75 1.90
N ASP A 24 0.05 -17.56 0.61
CA ASP A 24 0.98 -16.80 -0.22
C ASP A 24 0.30 -15.61 -0.84
N ALA A 25 -1.02 -15.53 -0.65
CA ALA A 25 -1.84 -14.51 -1.29
C ALA A 25 -3.11 -14.29 -0.47
N PRO A 26 -3.59 -13.04 -0.40
CA PRO A 26 -4.91 -12.76 0.20
C PRO A 26 -6.01 -13.60 -0.43
N ARG A 27 -7.05 -13.91 0.34
CA ARG A 27 -8.22 -14.62 -0.20
C ARG A 27 -9.37 -13.66 -0.41
N ALA A 28 -9.57 -12.77 0.56
CA ALA A 28 -10.49 -11.68 0.37
C ALA A 28 -9.70 -10.43 -0.02
N VAL A 29 -10.16 -9.79 -1.10
CA VAL A 29 -9.69 -8.48 -1.53
C VAL A 29 -10.94 -7.71 -1.99
N PHE A 30 -11.16 -6.56 -1.39
CA PHE A 30 -12.39 -5.80 -1.62
C PHE A 30 -12.20 -4.35 -1.18
N PRO A 31 -12.80 -3.39 -1.90
CA PRO A 31 -12.51 -2.02 -1.59
C PRO A 31 -12.80 -1.68 -0.14
N SER A 32 -12.28 -0.56 0.32
CA SER A 32 -12.36 -0.15 1.72
C SER A 32 -13.54 0.79 1.93
N ILE A 33 -14.74 0.35 1.56
CA ILE A 33 -15.90 1.24 1.51
C ILE A 33 -17.03 0.76 2.40
N VAL A 34 -17.60 1.67 3.16
CA VAL A 34 -18.82 1.39 3.92
C VAL A 34 -20.00 2.23 3.42
N GLY A 35 -21.08 1.54 3.06
CA GLY A 35 -22.25 2.14 2.43
C GLY A 35 -23.45 2.34 3.34
N ARG A 36 -23.96 3.56 3.32
CA ARG A 36 -25.04 4.00 4.20
C ARG A 36 -26.19 4.63 3.39
N PRO A 37 -27.46 4.26 3.69
CA PRO A 37 -28.61 4.83 2.95
C PRO A 37 -28.94 6.29 3.34
N ARG A 38 -28.17 7.23 2.78
CA ARG A 38 -28.26 8.69 3.05
C ARG A 38 -28.22 9.12 4.52
N ASP A 50 -29.21 -2.13 5.48
CA ASP A 50 -28.79 -0.85 6.12
C ASP A 50 -27.29 -0.76 6.50
N SER A 51 -26.55 -1.84 6.22
CA SER A 51 -25.09 -1.90 6.40
C SER A 51 -24.43 -2.66 5.23
N TYR A 52 -23.73 -1.93 4.35
CA TYR A 52 -23.07 -2.56 3.20
C TYR A 52 -21.57 -2.31 3.11
N VAL A 53 -20.80 -3.39 3.07
CA VAL A 53 -19.34 -3.30 2.96
C VAL A 53 -18.89 -4.25 1.86
N GLY A 54 -17.74 -3.93 1.25
CA GLY A 54 -17.08 -4.85 0.34
C GLY A 54 -17.38 -4.58 -1.11
N ASP A 55 -17.40 -5.65 -1.90
CA ASP A 55 -17.75 -5.57 -3.33
C ASP A 55 -19.18 -5.08 -3.45
N GLU A 56 -20.05 -5.73 -2.69
CA GLU A 56 -21.46 -5.38 -2.50
C GLU A 56 -21.69 -3.89 -2.48
N ALA A 57 -20.92 -3.21 -1.64
CA ALA A 57 -21.07 -1.79 -1.35
C ALA A 57 -20.97 -0.90 -2.59
N GLN A 58 -20.10 -1.26 -3.52
CA GLN A 58 -19.88 -0.43 -4.69
C GLN A 58 -21.18 -0.35 -5.52
N SER A 59 -21.63 -1.52 -5.99
CA SER A 59 -22.79 -1.68 -6.87
C SER A 59 -24.10 -0.97 -6.46
N LYS A 60 -24.24 -0.68 -5.17
CA LYS A 60 -25.48 -0.13 -4.61
C LYS A 60 -25.52 1.40 -4.56
N ARG A 61 -24.34 2.01 -4.65
CA ARG A 61 -24.11 3.46 -4.54
C ARG A 61 -25.30 4.41 -4.79
N GLY A 62 -26.00 4.24 -5.92
CA GLY A 62 -27.04 5.19 -6.39
C GLY A 62 -28.05 5.74 -5.40
N ILE A 63 -28.29 5.00 -4.32
CA ILE A 63 -29.19 5.37 -3.22
C ILE A 63 -28.43 5.61 -1.90
N LEU A 64 -27.29 4.94 -1.78
CA LEU A 64 -26.48 4.97 -0.57
C LEU A 64 -25.56 6.20 -0.51
N THR A 65 -24.76 6.24 0.56
CA THR A 65 -23.65 7.15 0.73
C THR A 65 -22.44 6.26 0.95
N LEU A 66 -21.33 6.60 0.29
CA LEU A 66 -20.09 5.88 0.48
C LEU A 66 -19.06 6.67 1.30
N LYS A 67 -18.61 6.03 2.37
CA LYS A 67 -17.56 6.58 3.22
C LYS A 67 -16.38 5.62 3.15
N TYR A 68 -15.19 6.20 3.09
CA TYR A 68 -13.98 5.44 3.19
C TYR A 68 -13.40 5.81 4.55
N PRO A 69 -13.25 4.82 5.44
CA PRO A 69 -12.84 5.12 6.80
C PRO A 69 -11.34 5.21 6.98
N ILE A 70 -10.58 4.86 5.94
CA ILE A 70 -9.13 5.03 5.92
C ILE A 70 -8.69 6.16 4.98
N GLU A 71 -8.42 7.32 5.56
CA GLU A 71 -8.08 8.49 4.77
C GLU A 71 -6.59 8.66 4.79
N HIS A 72 -5.96 8.54 3.63
CA HIS A 72 -4.52 8.71 3.53
C HIS A 72 -3.74 7.67 4.37
N GLY A 73 -4.23 6.44 4.40
CA GLY A 73 -3.56 5.36 5.13
C GLY A 73 -3.94 5.29 6.61
N ILE A 74 -4.43 6.39 7.16
CA ILE A 74 -4.86 6.42 8.58
C ILE A 74 -6.39 6.33 8.74
N VAL A 75 -6.81 5.60 9.77
CA VAL A 75 -8.23 5.38 10.07
C VAL A 75 -8.89 6.62 10.67
N THR A 76 -9.91 7.15 10.02
CA THR A 76 -10.63 8.31 10.58
C THR A 76 -12.03 7.98 11.14
N ASN A 77 -12.68 6.93 10.66
CA ASN A 77 -13.92 6.47 11.27
C ASN A 77 -13.77 5.09 11.88
N TRP A 78 -14.10 4.98 13.16
CA TRP A 78 -13.93 3.75 13.91
C TRP A 78 -15.17 2.85 13.92
N ASP A 79 -16.32 3.45 13.66
CA ASP A 79 -17.55 2.68 13.59
C ASP A 79 -17.68 2.03 12.23
N ASP A 80 -17.16 2.70 11.20
CA ASP A 80 -17.06 2.13 9.87
C ASP A 80 -15.90 1.15 9.82
N MET A 81 -14.79 1.47 10.48
CA MET A 81 -13.66 0.56 10.50
C MET A 81 -14.00 -0.78 11.16
N GLU A 82 -14.72 -0.70 12.27
CA GLU A 82 -15.19 -1.89 12.96
C GLU A 82 -16.01 -2.81 12.01
N LYS A 83 -16.82 -2.19 11.15
CA LYS A 83 -17.71 -2.93 10.24
C LYS A 83 -16.98 -3.58 9.06
N ILE A 84 -15.92 -2.96 8.58
CA ILE A 84 -15.13 -3.56 7.52
C ILE A 84 -14.53 -4.85 8.03
N TRP A 85 -14.11 -4.83 9.29
CA TRP A 85 -13.62 -6.01 9.99
C TRP A 85 -14.71 -7.01 10.37
N HIS A 86 -15.92 -6.53 10.69
CA HIS A 86 -17.06 -7.41 10.90
C HIS A 86 -17.33 -8.20 9.62
N HIS A 87 -17.31 -7.48 8.51
CA HIS A 87 -17.52 -8.06 7.19
C HIS A 87 -16.40 -9.01 6.80
N THR A 88 -15.18 -8.65 7.17
CA THR A 88 -14.02 -9.40 6.75
C THR A 88 -14.01 -10.81 7.35
N PHE A 89 -14.23 -10.87 8.67
CA PHE A 89 -14.20 -12.11 9.43
C PHE A 89 -15.35 -12.99 9.04
N TYR A 90 -16.55 -12.41 9.06
CA TYR A 90 -17.75 -13.20 8.95
C TYR A 90 -18.14 -13.52 7.53
N ASN A 91 -18.26 -12.48 6.71
CA ASN A 91 -18.77 -12.65 5.35
C ASN A 91 -17.73 -13.00 4.31
N GLU A 92 -16.53 -12.47 4.47
CA GLU A 92 -15.48 -12.66 3.45
C GLU A 92 -14.65 -13.88 3.74
N LEU A 93 -14.21 -14.01 4.99
CA LEU A 93 -13.39 -15.16 5.40
C LEU A 93 -14.22 -16.28 6.01
N ARG A 94 -15.49 -15.98 6.31
CA ARG A 94 -16.46 -16.95 6.84
C ARG A 94 -16.07 -17.51 8.23
N VAL A 95 -14.93 -17.05 8.78
CA VAL A 95 -14.43 -17.45 10.12
C VAL A 95 -14.96 -16.60 11.29
N ALA A 96 -14.56 -16.95 12.51
CA ALA A 96 -14.90 -16.17 13.72
C ALA A 96 -13.67 -15.88 14.61
N PRO A 97 -13.41 -14.58 14.89
CA PRO A 97 -12.17 -13.98 15.43
C PRO A 97 -11.63 -14.54 16.75
N GLU A 98 -12.51 -14.77 17.72
CA GLU A 98 -12.11 -15.31 19.02
C GLU A 98 -11.53 -16.75 18.94
N GLU A 99 -11.24 -17.19 17.72
CA GLU A 99 -10.57 -18.46 17.48
C GLU A 99 -9.21 -18.22 16.92
N HIS A 100 -9.03 -17.04 16.33
CA HIS A 100 -7.80 -16.71 15.60
C HIS A 100 -7.01 -15.52 16.15
N PRO A 101 -5.67 -15.58 16.03
CA PRO A 101 -4.87 -14.41 16.30
C PRO A 101 -4.85 -13.53 15.06
N VAL A 102 -4.90 -12.21 15.23
CA VAL A 102 -4.91 -11.30 14.08
C VAL A 102 -3.67 -10.43 13.99
N LEU A 103 -2.99 -10.56 12.86
CA LEU A 103 -2.01 -9.59 12.45
C LEU A 103 -2.80 -8.47 11.79
N LEU A 104 -2.72 -7.28 12.38
CA LEU A 104 -3.27 -6.06 11.80
C LEU A 104 -2.13 -5.13 11.38
N THR A 105 -2.30 -4.41 10.28
CA THR A 105 -1.24 -3.55 9.74
C THR A 105 -1.51 -2.08 10.00
N GLU A 106 -0.44 -1.30 10.16
CA GLU A 106 -0.57 0.15 10.40
C GLU A 106 0.29 1.00 9.46
N ALA A 107 -0.22 2.18 9.14
CA ALA A 107 0.52 3.18 8.38
C ALA A 107 1.74 3.70 9.15
N PRO A 108 2.92 3.72 8.52
CA PRO A 108 4.10 4.46 8.95
C PRO A 108 3.75 5.76 9.67
N LEU A 109 4.10 5.87 10.95
CA LEU A 109 3.77 7.06 11.80
C LEU A 109 2.29 7.17 12.18
N ASN A 110 1.64 6.01 12.36
CA ASN A 110 0.29 5.96 12.92
C ASN A 110 0.35 6.51 14.33
N PRO A 111 -0.54 7.45 14.67
CA PRO A 111 -0.46 7.95 16.03
C PRO A 111 -0.64 6.84 17.07
N LYS A 112 0.31 6.78 18.00
CA LYS A 112 0.19 6.13 19.30
C LYS A 112 -1.27 5.80 19.67
N ALA A 113 -2.15 6.79 19.58
CA ALA A 113 -3.53 6.62 19.99
C ALA A 113 -4.33 5.64 19.12
N ASN A 114 -4.07 5.68 17.82
CA ASN A 114 -4.81 4.86 16.85
C ASN A 114 -4.56 3.37 16.96
N ARG A 115 -3.31 2.96 17.20
CA ARG A 115 -3.01 1.52 17.40
C ARG A 115 -3.61 1.03 18.72
N GLU A 116 -3.50 1.86 19.73
CA GLU A 116 -4.22 1.63 20.97
C GLU A 116 -5.68 1.33 20.64
N LYS A 117 -6.40 2.32 20.10
CA LYS A 117 -7.82 2.18 19.82
C LYS A 117 -8.06 0.95 18.94
N MET A 118 -7.08 0.59 18.12
CA MET A 118 -7.22 -0.56 17.26
C MET A 118 -7.28 -1.83 18.11
N THR A 119 -6.31 -1.97 19.01
CA THR A 119 -6.30 -3.11 19.92
C THR A 119 -7.66 -3.24 20.60
N GLN A 120 -8.08 -2.17 21.27
CA GLN A 120 -9.36 -2.15 21.96
C GLN A 120 -10.37 -2.91 21.12
N ILE A 121 -10.73 -2.40 19.93
CA ILE A 121 -11.72 -3.07 19.07
C ILE A 121 -11.51 -4.60 18.99
N MET A 122 -10.29 -5.00 18.63
CA MET A 122 -9.97 -6.41 18.44
C MET A 122 -10.21 -7.25 19.68
N PHE A 123 -9.51 -6.91 20.74
CA PHE A 123 -9.64 -7.63 21.99
C PHE A 123 -11.02 -7.48 22.64
N GLU A 124 -11.63 -6.31 22.48
CA GLU A 124 -12.90 -6.02 23.13
C GLU A 124 -14.10 -6.34 22.28
N THR A 125 -14.32 -5.62 21.18
CA THR A 125 -15.43 -6.00 20.30
C THR A 125 -15.22 -7.43 19.78
N PHE A 126 -14.07 -7.71 19.19
CA PHE A 126 -13.91 -8.97 18.48
C PHE A 126 -13.44 -10.17 19.30
N ASN A 127 -12.82 -9.90 20.45
CA ASN A 127 -12.35 -10.97 21.32
C ASN A 127 -11.22 -11.85 20.80
N THR A 128 -10.31 -11.29 20.00
CA THR A 128 -9.14 -12.05 19.57
C THR A 128 -8.45 -12.65 20.78
N PRO A 129 -7.99 -13.92 20.65
CA PRO A 129 -7.16 -14.52 21.69
C PRO A 129 -5.74 -13.95 21.69
N ALA A 130 -5.37 -13.34 20.58
CA ALA A 130 -4.09 -12.68 20.43
C ALA A 130 -4.20 -11.70 19.31
N MET A 131 -3.33 -10.71 19.28
CA MET A 131 -3.32 -9.76 18.15
C MET A 131 -2.00 -9.01 18.03
N TYR A 132 -1.91 -8.24 16.97
CA TYR A 132 -0.68 -7.54 16.67
C TYR A 132 -0.92 -6.44 15.65
N VAL A 133 -0.11 -5.41 15.75
CA VAL A 133 -0.02 -4.39 14.72
C VAL A 133 1.44 -4.23 14.26
N ALA A 134 1.66 -4.39 12.96
CA ALA A 134 2.97 -4.15 12.35
C ALA A 134 2.84 -3.04 11.35
N ILE A 135 3.98 -2.52 10.92
CA ILE A 135 4.02 -1.38 10.00
C ILE A 135 4.07 -1.87 8.55
N GLN A 136 3.11 -1.41 7.75
CA GLN A 136 2.98 -1.92 6.40
C GLN A 136 4.31 -1.94 5.66
N ALA A 137 4.91 -0.78 5.42
CA ALA A 137 6.21 -0.78 4.75
C ALA A 137 7.04 -1.97 5.24
N VAL A 138 7.51 -1.91 6.49
CA VAL A 138 8.26 -2.99 7.15
C VAL A 138 7.92 -4.36 6.56
N LEU A 139 6.63 -4.69 6.45
CA LEU A 139 6.19 -6.00 6.01
C LEU A 139 6.62 -6.31 4.60
N SER A 140 6.33 -5.39 3.68
CA SER A 140 6.66 -5.60 2.28
C SER A 140 8.16 -5.76 2.18
N LEU A 141 8.93 -5.05 3.02
CA LEU A 141 10.38 -5.21 3.02
C LEU A 141 10.74 -6.68 3.30
N TYR A 142 10.14 -7.24 4.34
CA TYR A 142 10.30 -8.67 4.61
C TYR A 142 9.93 -9.55 3.41
N ALA A 143 8.82 -9.21 2.75
CA ALA A 143 8.21 -10.01 1.71
C ALA A 143 9.10 -10.23 0.51
N SER A 144 10.20 -9.48 0.42
CA SER A 144 11.16 -9.67 -0.67
C SER A 144 12.35 -10.46 -0.12
N GLY A 145 12.54 -10.31 1.19
CA GLY A 145 13.46 -11.14 1.95
C GLY A 145 14.52 -10.33 2.66
N ARG A 146 14.25 -9.06 2.93
CA ARG A 146 15.26 -8.25 3.58
C ARG A 146 14.80 -7.66 4.91
N THR A 147 15.77 -7.19 5.70
CA THR A 147 15.50 -6.50 6.97
C THR A 147 16.24 -5.13 7.12
N THR A 148 16.90 -4.72 6.04
CA THR A 148 17.42 -3.38 5.93
C THR A 148 16.98 -2.86 4.57
N GLY A 149 16.79 -1.55 4.45
CA GLY A 149 16.38 -0.94 3.18
C GLY A 149 15.45 0.25 3.36
N ILE A 150 14.89 0.71 2.25
CA ILE A 150 13.90 1.77 2.28
C ILE A 150 12.80 1.45 1.30
N VAL A 151 11.56 1.35 1.77
CA VAL A 151 10.46 0.95 0.92
C VAL A 151 9.82 2.20 0.35
N LEU A 152 9.61 2.26 -0.95
CA LEU A 152 8.67 3.22 -1.47
C LEU A 152 7.34 2.53 -1.55
N ASP A 153 6.45 2.87 -0.62
CA ASP A 153 5.14 2.25 -0.61
C ASP A 153 4.20 3.35 -0.97
N SER A 154 3.18 3.05 -1.76
CA SER A 154 2.42 4.09 -2.41
C SER A 154 1.09 3.54 -2.93
N GLY A 155 0.00 3.79 -2.21
CA GLY A 155 -1.24 3.09 -2.49
C GLY A 155 -2.31 3.89 -3.19
N ASP A 156 -3.55 3.71 -2.79
CA ASP A 156 -4.63 4.42 -3.47
C ASP A 156 -4.70 5.84 -2.96
N GLY A 157 -4.37 6.01 -1.68
CA GLY A 157 -4.51 7.31 -1.02
C GLY A 157 -3.24 8.02 -0.57
N VAL A 158 -2.12 7.31 -0.37
CA VAL A 158 -0.94 7.90 0.29
C VAL A 158 0.41 7.24 -0.03
N SER A 159 1.46 8.04 -0.10
CA SER A 159 2.77 7.51 -0.45
C SER A 159 3.79 7.79 0.62
N HIS A 160 4.43 6.73 1.09
CA HIS A 160 5.47 6.81 2.11
C HIS A 160 6.81 6.35 1.58
N THR A 161 7.87 7.01 2.03
CA THR A 161 9.23 6.50 1.87
C THR A 161 9.77 6.09 3.26
N VAL A 162 10.16 4.85 3.42
CA VAL A 162 10.39 4.35 4.77
C VAL A 162 11.67 3.55 4.97
N PRO A 163 12.72 4.21 5.47
CA PRO A 163 14.01 3.64 5.80
C PRO A 163 13.84 2.64 6.92
N ILE A 164 14.33 1.43 6.71
CA ILE A 164 14.14 0.41 7.71
C ILE A 164 15.49 -0.20 7.95
N TYR A 165 15.81 -0.46 9.22
CA TYR A 165 17.12 -0.95 9.59
C TYR A 165 16.89 -1.99 10.64
N GLU A 166 17.25 -3.22 10.32
CA GLU A 166 17.08 -4.35 11.22
C GLU A 166 15.61 -4.52 11.63
N GLY A 167 14.71 -4.40 10.66
CA GLY A 167 13.27 -4.51 10.91
C GLY A 167 12.72 -3.33 11.70
N TYR A 168 13.55 -2.33 11.93
CA TYR A 168 13.13 -1.15 12.66
C TYR A 168 13.09 0.07 11.74
N ALA A 169 11.87 0.45 11.35
CA ALA A 169 11.60 1.69 10.67
C ALA A 169 12.17 2.84 11.49
N LEU A 170 12.65 3.87 10.80
CA LEU A 170 13.29 5.00 11.47
C LEU A 170 12.38 6.22 11.40
N PRO A 171 11.65 6.46 12.51
CA PRO A 171 10.67 7.54 12.63
C PRO A 171 11.16 8.95 12.21
N HIS A 172 12.44 9.26 12.41
CA HIS A 172 12.93 10.56 11.95
C HIS A 172 13.05 10.65 10.42
N ALA A 173 13.04 9.52 9.74
CA ALA A 173 13.42 9.51 8.33
C ALA A 173 12.25 9.25 7.36
N ILE A 174 11.06 9.07 7.93
CA ILE A 174 9.90 8.80 7.11
C ILE A 174 9.38 10.06 6.45
N LEU A 175 8.92 9.91 5.21
CA LEU A 175 8.27 11.00 4.53
C LEU A 175 7.01 10.48 3.91
N ARG A 176 5.96 11.22 4.21
CA ARG A 176 4.64 11.01 3.70
C ARG A 176 4.37 12.07 2.63
N LEU A 177 3.76 11.62 1.54
CA LEU A 177 3.33 12.49 0.48
C LEU A 177 1.98 11.97 0.03
N ASP A 178 0.99 12.84 -0.10
CA ASP A 178 -0.35 12.36 -0.41
C ASP A 178 -0.56 12.40 -1.93
N LEU A 179 0.35 11.76 -2.64
CA LEU A 179 0.21 11.62 -4.05
C LEU A 179 0.18 10.14 -4.34
N ALA A 180 -0.90 9.69 -4.96
CA ALA A 180 -1.23 8.30 -4.99
C ALA A 180 -2.35 8.03 -5.98
N GLY A 181 -2.73 6.76 -6.04
CA GLY A 181 -3.65 6.24 -7.02
C GLY A 181 -4.76 7.19 -7.35
N ARG A 182 -5.61 7.49 -6.36
CA ARG A 182 -6.82 8.24 -6.60
C ARG A 182 -6.57 9.59 -7.27
N ASP A 183 -5.46 10.22 -6.93
CA ASP A 183 -5.14 11.51 -7.53
C ASP A 183 -4.69 11.30 -8.97
N LEU A 184 -4.01 10.18 -9.23
CA LEU A 184 -3.58 9.86 -10.59
C LEU A 184 -4.82 9.57 -11.44
N THR A 185 -5.74 8.79 -10.90
CA THR A 185 -7.04 8.57 -11.51
C THR A 185 -7.70 9.91 -11.81
N ASP A 186 -7.67 10.81 -10.83
CA ASP A 186 -8.24 12.14 -11.01
C ASP A 186 -7.48 12.92 -12.04
N TYR A 187 -6.18 12.66 -12.14
CA TYR A 187 -5.36 13.41 -13.05
C TYR A 187 -5.53 12.95 -14.48
N LEU A 188 -5.82 11.66 -14.65
CA LEU A 188 -6.11 11.13 -15.98
C LEU A 188 -7.44 11.66 -16.44
N MET A 189 -8.43 11.65 -15.56
CA MET A 189 -9.73 12.25 -15.90
C MET A 189 -9.51 13.68 -16.43
N LYS A 190 -8.83 14.48 -15.63
CA LYS A 190 -8.67 15.89 -15.92
C LYS A 190 -8.05 16.06 -17.29
N ILE A 191 -6.93 15.36 -17.55
CA ILE A 191 -6.23 15.49 -18.83
C ILE A 191 -6.89 14.79 -20.02
N LEU A 192 -7.69 13.76 -19.79
CA LEU A 192 -8.50 13.17 -20.86
C LEU A 192 -9.67 14.07 -21.22
N THR A 193 -10.08 14.88 -20.26
CA THR A 193 -11.23 15.77 -20.44
C THR A 193 -10.77 17.02 -21.21
N GLU A 194 -9.50 17.39 -21.01
CA GLU A 194 -8.89 18.45 -21.78
C GLU A 194 -8.79 18.05 -23.25
N ARG A 195 -8.87 16.74 -23.51
CA ARG A 195 -8.72 16.19 -24.84
C ARG A 195 -10.07 16.14 -25.56
N GLY A 196 -11.12 16.55 -24.86
CA GLY A 196 -12.47 16.50 -25.40
C GLY A 196 -13.42 15.57 -24.64
N TYR A 197 -12.96 14.36 -24.34
CA TYR A 197 -13.76 13.35 -23.61
C TYR A 197 -14.48 13.87 -22.37
N SER A 198 -15.49 13.13 -21.93
CA SER A 198 -16.18 13.49 -20.71
C SER A 198 -16.41 12.26 -19.83
N PHE A 199 -16.18 12.45 -18.54
CA PHE A 199 -16.43 11.43 -17.54
C PHE A 199 -17.06 12.06 -16.30
N THR A 200 -18.37 12.30 -16.38
CA THR A 200 -19.16 12.75 -15.23
C THR A 200 -19.22 11.68 -14.15
N THR A 201 -20.21 10.80 -14.31
CA THR A 201 -20.50 9.67 -13.41
C THR A 201 -19.32 8.85 -12.89
N THR A 202 -19.61 8.17 -11.78
CA THR A 202 -18.63 7.38 -11.07
C THR A 202 -18.45 5.99 -11.72
N GLU A 203 -19.41 5.58 -12.54
CA GLU A 203 -19.23 4.37 -13.34
C GLU A 203 -18.24 4.64 -14.47
N GLU A 204 -18.29 5.85 -15.01
CA GLU A 204 -17.37 6.28 -16.04
C GLU A 204 -16.00 6.42 -15.43
N ARG A 205 -15.96 7.01 -14.23
CA ARG A 205 -14.73 7.11 -13.43
C ARG A 205 -14.07 5.74 -13.20
N GLU A 206 -14.86 4.72 -12.90
CA GLU A 206 -14.30 3.38 -12.73
C GLU A 206 -13.52 2.94 -13.94
N ILE A 207 -13.75 3.61 -15.06
CA ILE A 207 -13.13 3.22 -16.30
C ILE A 207 -11.74 3.84 -16.36
N VAL A 208 -11.68 5.15 -16.17
CA VAL A 208 -10.43 5.88 -16.18
C VAL A 208 -9.44 5.20 -15.26
N ARG A 209 -9.98 4.60 -14.20
CA ARG A 209 -9.22 3.81 -13.23
C ARG A 209 -8.62 2.59 -13.92
N ASP A 210 -9.46 1.93 -14.71
CA ASP A 210 -9.03 0.77 -15.47
C ASP A 210 -8.00 1.19 -16.52
N ILE A 211 -8.32 2.23 -17.29
CA ILE A 211 -7.43 2.72 -18.35
C ILE A 211 -6.05 3.02 -17.79
N LYS A 212 -6.02 3.75 -16.68
CA LYS A 212 -4.77 4.05 -15.96
C LYS A 212 -3.96 2.78 -15.70
N GLU A 213 -4.63 1.75 -15.18
CA GLU A 213 -4.00 0.51 -14.79
C GLU A 213 -3.67 -0.38 -15.98
N LYS A 214 -4.48 -0.28 -17.03
CA LYS A 214 -4.27 -1.07 -18.22
C LYS A 214 -3.12 -0.54 -19.07
N LEU A 215 -2.99 0.79 -19.14
CA LEU A 215 -2.26 1.39 -20.25
C LEU A 215 -1.11 2.32 -19.90
N CYS A 216 -1.28 3.09 -18.85
CA CYS A 216 -0.24 4.01 -18.44
C CYS A 216 1.07 3.30 -18.17
N TYR A 217 2.16 4.06 -18.23
CA TYR A 217 3.49 3.56 -17.93
C TYR A 217 4.32 4.76 -17.54
N VAL A 218 5.56 4.51 -17.16
CA VAL A 218 6.44 5.58 -16.74
C VAL A 218 7.59 5.78 -17.75
N ALA A 219 7.58 6.96 -18.35
CA ALA A 219 8.50 7.25 -19.43
C ALA A 219 9.86 7.30 -18.83
N LEU A 220 10.85 6.82 -19.57
CA LEU A 220 12.23 6.91 -19.15
C LEU A 220 12.69 8.36 -19.20
N ASP A 221 12.44 8.99 -20.34
CA ASP A 221 12.87 10.34 -20.61
C ASP A 221 11.62 11.15 -20.96
N PHE A 222 11.13 11.91 -19.98
CA PHE A 222 9.85 12.57 -20.14
C PHE A 222 9.71 13.54 -21.32
N GLU A 223 10.73 14.35 -21.65
CA GLU A 223 10.58 15.29 -22.76
C GLU A 223 10.64 14.55 -24.11
N GLN A 224 11.68 13.76 -24.30
CA GLN A 224 11.82 12.88 -25.47
C GLN A 224 10.52 12.15 -25.77
N GLU A 225 9.85 11.67 -24.72
CA GLU A 225 8.60 10.96 -24.86
C GLU A 225 7.47 11.84 -25.36
N MET A 226 7.31 13.00 -24.72
CA MET A 226 6.35 14.00 -25.14
C MET A 226 6.66 14.43 -26.55
N ALA A 227 7.96 14.57 -26.84
CA ALA A 227 8.47 14.83 -28.18
C ALA A 227 7.97 13.75 -29.16
N THR A 228 8.26 12.50 -28.85
CA THR A 228 7.86 11.38 -29.70
C THR A 228 6.37 11.37 -30.02
N ALA A 229 5.56 11.69 -29.02
CA ALA A 229 4.12 11.56 -29.18
C ALA A 229 3.51 12.73 -29.93
N ALA A 230 4.16 13.89 -29.94
CA ALA A 230 3.73 15.01 -30.81
C ALA A 230 4.11 14.75 -32.29
N SER A 231 5.25 14.11 -32.50
CA SER A 231 5.76 13.79 -33.83
C SER A 231 5.13 12.58 -34.57
N SER A 232 4.64 11.57 -33.84
CA SER A 232 3.98 10.39 -34.46
C SER A 232 2.96 9.85 -33.52
N SER A 233 2.35 8.73 -33.88
CA SER A 233 1.35 8.09 -33.04
C SER A 233 1.83 6.71 -32.61
N SER A 234 3.13 6.52 -32.47
CA SER A 234 3.68 5.20 -32.25
C SER A 234 3.43 4.75 -30.83
N LEU A 235 3.12 5.71 -29.95
CA LEU A 235 2.86 5.42 -28.55
C LEU A 235 1.39 5.33 -28.17
N GLU A 236 0.50 5.38 -29.17
CA GLU A 236 -0.94 5.38 -28.91
C GLU A 236 -1.48 3.97 -28.70
N LYS A 237 -2.54 3.87 -27.91
CA LYS A 237 -3.30 2.61 -27.74
C LYS A 237 -4.79 2.91 -27.67
N SER A 238 -5.61 1.97 -28.11
CA SER A 238 -7.07 2.13 -28.04
C SER A 238 -7.67 1.40 -26.83
N TYR A 239 -8.65 2.02 -26.19
CA TYR A 239 -9.40 1.37 -25.12
C TYR A 239 -10.82 1.20 -25.62
N GLU A 240 -11.21 -0.06 -25.86
CA GLU A 240 -12.56 -0.41 -26.29
C GLU A 240 -13.51 -0.46 -25.10
N LEU A 241 -14.45 0.49 -25.07
CA LEU A 241 -15.39 0.61 -23.96
C LEU A 241 -16.43 -0.48 -24.03
N LYS A 242 -16.82 -1.01 -22.87
CA LYS A 242 -17.65 -2.24 -22.81
C LYS A 242 -18.89 -2.18 -23.71
N ASP A 243 -19.36 -0.97 -24.03
CA ASP A 243 -20.45 -0.76 -25.00
C ASP A 243 -20.04 -0.85 -26.47
N GLY A 244 -18.76 -0.63 -26.77
CA GLY A 244 -18.23 -0.76 -28.16
C GLY A 244 -17.34 0.38 -28.67
N GLN A 245 -17.66 1.61 -28.29
CA GLN A 245 -16.83 2.80 -28.58
C GLN A 245 -15.35 2.65 -28.17
N VAL A 246 -14.45 2.92 -29.11
CA VAL A 246 -13.01 2.86 -28.87
C VAL A 246 -12.41 4.26 -28.60
N ILE A 247 -11.75 4.41 -27.46
CA ILE A 247 -11.06 5.69 -27.19
C ILE A 247 -9.53 5.63 -27.32
N THR A 248 -9.04 6.49 -28.19
CA THR A 248 -7.62 6.68 -28.43
C THR A 248 -7.01 7.39 -27.25
N ILE A 249 -5.94 6.83 -26.71
CA ILE A 249 -5.20 7.50 -25.66
C ILE A 249 -3.72 7.58 -26.04
N GLY A 250 -3.15 8.76 -25.83
CA GLY A 250 -1.83 9.08 -26.37
C GLY A 250 -0.78 9.38 -25.32
N ASN A 251 -0.33 10.62 -25.28
CA ASN A 251 0.66 11.02 -24.29
C ASN A 251 0.08 11.14 -22.88
N GLU A 252 -1.24 11.04 -22.78
CA GLU A 252 -1.87 10.85 -21.50
C GLU A 252 -1.30 9.62 -20.81
N ARG A 253 -0.99 8.60 -21.62
CA ARG A 253 -0.55 7.32 -21.08
C ARG A 253 0.61 7.43 -20.11
N PHE A 254 1.50 8.39 -20.29
CA PHE A 254 2.61 8.50 -19.38
C PHE A 254 2.64 9.82 -18.63
N ARG A 255 1.66 10.68 -18.87
CA ARG A 255 1.58 12.00 -18.15
C ARG A 255 0.89 11.86 -16.81
N CYS A 256 -0.01 10.90 -16.75
CA CYS A 256 -0.64 10.50 -15.54
C CYS A 256 0.46 10.11 -14.53
N PRO A 257 1.13 8.96 -14.72
CA PRO A 257 2.07 8.63 -13.66
C PRO A 257 3.29 9.55 -13.56
N GLU A 258 3.42 10.49 -14.50
CA GLU A 258 4.51 11.45 -14.41
C GLU A 258 4.34 12.31 -13.19
N ALA A 259 3.09 12.50 -12.76
CA ALA A 259 2.82 13.35 -11.62
C ALA A 259 3.64 12.92 -10.41
N LEU A 260 3.80 11.61 -10.21
CA LEU A 260 4.62 11.06 -9.15
C LEU A 260 6.02 11.67 -9.05
N PHE A 261 6.60 11.97 -10.20
CA PHE A 261 7.95 12.46 -10.24
C PHE A 261 7.95 13.97 -10.28
N GLN A 262 6.86 14.53 -10.75
CA GLN A 262 6.73 15.98 -10.67
C GLN A 262 5.32 16.47 -10.30
N PRO A 263 5.03 16.51 -8.98
CA PRO A 263 3.79 16.90 -8.30
C PRO A 263 3.14 18.20 -8.80
N SER A 264 3.92 19.02 -9.50
CA SER A 264 3.45 20.28 -10.05
C SER A 264 2.28 20.10 -10.98
N PHE A 265 2.27 18.94 -11.65
CA PHE A 265 1.23 18.63 -12.62
C PHE A 265 -0.10 18.80 -11.93
N LEU A 266 -0.07 18.51 -10.64
CA LEU A 266 -1.23 18.57 -9.78
C LEU A 266 -1.24 19.85 -8.92
N GLY A 267 -0.53 20.88 -9.38
CA GLY A 267 -0.44 22.13 -8.64
C GLY A 267 -0.01 21.93 -7.18
N MET A 268 0.79 20.88 -6.95
CA MET A 268 1.42 20.58 -5.66
C MET A 268 2.85 21.11 -5.68
N GLU A 269 3.32 21.57 -4.51
CA GLU A 269 4.68 22.12 -4.35
C GLU A 269 5.61 21.07 -3.74
N ALA A 270 5.24 19.80 -3.90
CA ALA A 270 5.97 18.69 -3.26
C ALA A 270 7.14 18.11 -4.09
N CYS A 271 8.12 17.50 -3.41
CA CYS A 271 9.13 16.68 -4.07
C CYS A 271 8.50 15.42 -4.56
N GLY A 272 8.87 15.00 -5.75
CA GLY A 272 8.39 13.74 -6.30
C GLY A 272 8.92 12.52 -5.58
N ILE A 273 8.32 11.37 -5.86
CA ILE A 273 8.71 10.12 -5.24
C ILE A 273 10.20 9.82 -5.28
N HIS A 274 10.85 10.23 -6.35
CA HIS A 274 12.33 10.12 -6.43
C HIS A 274 13.05 10.92 -5.35
N GLU A 275 12.88 12.23 -5.35
CA GLU A 275 13.57 13.08 -4.35
C GLU A 275 13.10 12.69 -2.97
N THR A 276 11.80 12.50 -2.81
CA THR A 276 11.31 12.04 -1.53
C THR A 276 12.13 10.84 -1.01
N THR A 277 12.41 9.86 -1.87
CA THR A 277 13.24 8.70 -1.49
C THR A 277 14.71 9.08 -1.20
N TYR A 278 15.25 9.97 -2.02
CA TYR A 278 16.57 10.53 -1.76
C TYR A 278 16.52 11.25 -0.42
N ASN A 279 15.53 12.11 -0.24
CA ASN A 279 15.41 12.89 0.98
C ASN A 279 15.29 12.05 2.24
N SER A 280 14.69 10.87 2.14
CA SER A 280 14.59 9.97 3.27
C SER A 280 15.87 9.23 3.50
N ILE A 281 16.54 8.77 2.44
CA ILE A 281 17.86 8.14 2.59
C ILE A 281 18.77 9.14 3.30
N MET A 282 18.78 10.36 2.77
CA MET A 282 19.64 11.41 3.27
C MET A 282 19.41 11.78 4.72
N LYS A 283 18.22 11.50 5.25
CA LYS A 283 17.94 11.87 6.64
C LYS A 283 18.52 10.91 7.68
N CYS A 284 19.15 9.84 7.21
CA CYS A 284 19.61 8.76 8.09
C CYS A 284 21.08 8.89 8.47
N ASP A 285 21.55 8.03 9.37
CA ASP A 285 22.97 7.94 9.70
C ASP A 285 23.71 7.55 8.42
N VAL A 286 24.79 8.29 8.16
CA VAL A 286 25.52 8.18 6.91
C VAL A 286 25.94 6.74 6.60
N ASP A 287 26.35 6.01 7.63
CA ASP A 287 26.94 4.71 7.41
C ASP A 287 25.97 3.60 6.97
N ILE A 288 24.68 3.89 6.95
CA ILE A 288 23.69 2.90 6.51
C ILE A 288 23.24 3.08 5.05
N ARG A 289 23.35 4.31 4.55
CA ARG A 289 22.78 4.76 3.27
C ARG A 289 23.02 3.82 2.07
N LYS A 290 24.26 3.38 1.90
CA LYS A 290 24.62 2.50 0.77
C LYS A 290 23.78 1.23 0.80
N ASP A 291 23.63 0.64 2.00
CA ASP A 291 22.67 -0.44 2.21
C ASP A 291 21.25 -0.07 1.70
N LEU A 292 20.73 1.08 2.12
CA LEU A 292 19.40 1.55 1.68
C LEU A 292 19.36 1.83 0.18
N TYR A 293 20.33 2.62 -0.30
CA TYR A 293 20.44 2.93 -1.73
C TYR A 293 20.26 1.69 -2.56
N ALA A 294 20.96 0.63 -2.16
CA ALA A 294 20.99 -0.64 -2.87
C ALA A 294 19.86 -1.57 -2.48
N ASN A 295 19.06 -1.18 -1.50
CA ASN A 295 17.87 -1.96 -1.16
C ASN A 295 16.62 -1.07 -1.09
N THR A 296 16.15 -0.61 -2.26
CA THR A 296 15.02 0.29 -2.29
C THR A 296 13.82 -0.39 -2.88
N VAL A 297 12.82 -0.69 -2.05
CA VAL A 297 11.74 -1.57 -2.50
C VAL A 297 10.45 -0.87 -2.88
N LEU A 298 9.96 -1.16 -4.07
CA LEU A 298 8.66 -0.63 -4.40
C LEU A 298 7.57 -1.56 -3.84
N SER A 299 6.49 -0.94 -3.40
CA SER A 299 5.32 -1.69 -2.97
C SER A 299 4.17 -0.73 -3.02
N GLY A 300 2.97 -1.24 -2.78
CA GLY A 300 1.76 -0.52 -3.12
C GLY A 300 1.48 -0.73 -4.60
N GLY A 301 0.20 -0.66 -4.96
CA GLY A 301 -0.21 -0.88 -6.33
C GLY A 301 0.02 0.32 -7.23
N THR A 302 0.37 1.46 -6.66
CA THR A 302 0.64 2.62 -7.50
C THR A 302 2.06 2.51 -8.02
N THR A 303 2.77 1.48 -7.62
CA THR A 303 4.08 1.28 -8.22
C THR A 303 4.03 0.21 -9.30
N MET A 304 2.84 -0.07 -9.81
CA MET A 304 2.71 -1.14 -10.78
C MET A 304 3.07 -0.73 -12.22
N TYR A 305 3.02 0.57 -12.50
CA TYR A 305 3.30 1.09 -13.83
C TYR A 305 4.60 0.53 -14.39
N PRO A 306 4.58 0.06 -15.65
CA PRO A 306 5.83 -0.32 -16.28
C PRO A 306 6.70 0.91 -16.44
N GLY A 307 8.02 0.76 -16.31
CA GLY A 307 8.93 1.87 -16.50
C GLY A 307 9.47 2.32 -15.16
N ILE A 308 8.60 2.22 -14.14
CA ILE A 308 8.86 2.83 -12.83
C ILE A 308 10.29 2.57 -12.31
N ALA A 309 10.71 1.33 -12.44
CA ALA A 309 11.94 0.85 -11.85
C ALA A 309 13.08 1.64 -12.42
N ASP A 310 13.21 1.56 -13.73
CA ASP A 310 14.24 2.26 -14.49
C ASP A 310 14.22 3.74 -14.19
N ARG A 311 13.05 4.33 -14.32
CA ARG A 311 12.90 5.76 -14.16
C ARG A 311 13.49 6.13 -12.80
N MET A 312 13.11 5.36 -11.79
CA MET A 312 13.64 5.52 -10.45
C MET A 312 15.14 5.24 -10.34
N GLN A 313 15.59 4.23 -11.06
CA GLN A 313 17.01 3.96 -11.21
C GLN A 313 17.73 5.16 -11.87
N LYS A 314 17.10 5.75 -12.89
CA LYS A 314 17.74 6.85 -13.59
C LYS A 314 17.81 8.03 -12.65
N GLU A 315 16.70 8.28 -11.94
CA GLU A 315 16.53 9.54 -11.23
C GLU A 315 17.32 9.61 -9.95
N ILE A 316 17.33 8.53 -9.19
CA ILE A 316 18.09 8.53 -7.94
C ILE A 316 19.59 8.61 -8.27
N THR A 317 20.00 7.88 -9.31
CA THR A 317 21.39 7.96 -9.84
C THR A 317 21.86 9.40 -10.22
N ALA A 318 20.95 10.25 -10.64
CA ALA A 318 21.28 11.67 -10.87
C ALA A 318 21.39 12.48 -9.55
N LEU A 319 20.77 11.96 -8.49
CA LEU A 319 20.73 12.59 -7.18
C LEU A 319 21.76 12.02 -6.21
N ALA A 320 22.18 10.79 -6.48
CA ALA A 320 23.08 10.04 -5.60
C ALA A 320 24.54 10.19 -6.01
N PRO A 321 25.47 10.16 -5.02
CA PRO A 321 26.92 10.13 -5.20
C PRO A 321 27.34 9.48 -6.52
N SER A 322 28.19 10.19 -7.27
CA SER A 322 28.65 9.77 -8.61
C SER A 322 29.15 8.33 -8.66
N THR A 323 29.75 7.88 -7.57
CA THR A 323 30.34 6.54 -7.49
C THR A 323 29.27 5.45 -7.24
N MET A 324 28.24 5.84 -6.47
CA MET A 324 27.30 4.94 -5.76
C MET A 324 26.63 3.79 -6.54
N LYS A 325 26.28 2.72 -5.83
CA LYS A 325 25.53 1.61 -6.42
C LYS A 325 24.06 1.64 -5.99
N ILE A 326 23.16 1.71 -6.98
CA ILE A 326 21.72 1.82 -6.76
C ILE A 326 21.14 0.45 -7.07
N LYS A 327 19.91 0.20 -6.61
CA LYS A 327 19.18 -1.04 -6.91
C LYS A 327 17.70 -0.90 -6.53
N ILE A 328 16.85 -0.59 -7.50
CA ILE A 328 15.43 -0.53 -7.22
C ILE A 328 14.85 -1.93 -7.33
N ILE A 329 14.21 -2.42 -6.28
CA ILE A 329 13.63 -3.76 -6.28
C ILE A 329 12.12 -3.71 -6.48
N ALA A 330 11.62 -4.48 -7.44
CA ALA A 330 10.24 -4.38 -7.84
C ALA A 330 9.56 -5.75 -7.83
N PRO A 331 9.41 -6.34 -6.65
CA PRO A 331 8.89 -7.71 -6.67
C PRO A 331 7.66 -7.77 -7.54
N PRO A 332 7.67 -8.68 -8.52
CA PRO A 332 6.63 -8.78 -9.56
C PRO A 332 5.28 -8.75 -8.89
N GLU A 333 5.31 -9.15 -7.62
CA GLU A 333 4.11 -9.30 -6.86
C GLU A 333 3.68 -7.97 -6.17
N ARG A 334 4.66 -7.14 -5.80
CA ARG A 334 4.50 -5.93 -4.97
C ARG A 334 3.13 -5.33 -4.65
N LYS A 335 2.17 -5.46 -5.53
CA LYS A 335 0.84 -4.90 -5.35
C LYS A 335 0.19 -5.39 -4.05
N TYR A 336 0.29 -6.69 -3.76
CA TYR A 336 -0.20 -7.24 -2.49
C TYR A 336 0.94 -7.68 -1.61
N SER A 337 2.06 -6.97 -1.61
CA SER A 337 3.20 -7.43 -0.82
C SER A 337 3.05 -7.21 0.67
N VAL A 338 2.53 -6.05 1.08
CA VAL A 338 2.37 -5.81 2.50
C VAL A 338 1.75 -7.05 3.15
N TRP A 339 0.58 -7.47 2.68
CA TRP A 339 -0.07 -8.64 3.22
C TRP A 339 0.97 -9.74 3.34
N ILE A 340 1.11 -10.49 2.25
CA ILE A 340 2.15 -11.50 2.08
C ILE A 340 3.26 -11.39 3.13
N GLY A 341 3.90 -10.23 3.19
CA GLY A 341 5.00 -9.98 4.12
C GLY A 341 4.68 -10.36 5.55
N GLY A 342 3.43 -10.16 5.94
CA GLY A 342 2.99 -10.51 7.28
C GLY A 342 2.58 -11.97 7.38
N SER A 343 2.04 -12.51 6.28
CA SER A 343 1.70 -13.94 6.22
C SER A 343 2.91 -14.74 6.64
N ILE A 344 4.03 -14.47 5.95
CA ILE A 344 5.35 -14.87 6.37
C ILE A 344 5.55 -14.76 7.88
N LEU A 345 5.26 -13.58 8.42
CA LEU A 345 5.66 -13.24 9.78
C LEU A 345 4.83 -14.00 10.80
N ALA A 346 3.52 -13.82 10.73
CA ALA A 346 2.60 -14.51 11.63
C ALA A 346 2.81 -16.02 11.54
N SER A 347 3.20 -16.49 10.35
CA SER A 347 3.54 -17.91 10.14
C SER A 347 4.83 -18.36 10.82
N LEU A 348 5.74 -17.44 11.08
CA LEU A 348 7.06 -17.86 11.53
C LEU A 348 7.07 -18.37 12.96
N SER A 349 7.39 -19.66 13.09
CA SER A 349 7.40 -20.38 14.37
C SER A 349 8.09 -19.60 15.49
N THR A 350 8.97 -18.70 15.05
CA THR A 350 9.78 -17.88 15.95
C THR A 350 9.07 -16.57 16.36
N PHE A 351 7.95 -16.27 15.70
CA PHE A 351 7.10 -15.13 16.03
C PHE A 351 5.84 -15.58 16.79
N GLN A 352 5.66 -16.90 16.87
CA GLN A 352 4.51 -17.50 17.56
C GLN A 352 4.37 -17.01 19.01
N GLN A 353 5.50 -16.72 19.64
CA GLN A 353 5.53 -16.26 21.02
C GLN A 353 5.95 -14.78 21.10
N MET A 354 5.24 -13.96 20.33
CA MET A 354 5.49 -12.53 20.31
C MET A 354 4.23 -11.68 20.28
N TRP A 355 3.09 -12.34 20.09
CA TRP A 355 1.79 -11.68 20.13
C TRP A 355 1.53 -10.95 21.45
N ILE A 356 0.45 -10.18 21.47
CA ILE A 356 -0.19 -9.78 22.73
C ILE A 356 -1.42 -10.68 22.86
N SER A 357 -1.56 -11.34 24.00
CA SER A 357 -2.67 -12.28 24.22
C SER A 357 -3.81 -11.66 25.00
N LYS A 358 -5.00 -12.26 24.86
CA LYS A 358 -6.23 -11.77 25.48
C LYS A 358 -6.01 -11.50 26.97
N GLN A 359 -5.39 -12.47 27.63
CA GLN A 359 -5.11 -12.41 29.05
C GLN A 359 -4.04 -11.35 29.39
N GLU A 360 -3.10 -11.12 28.46
CA GLU A 360 -2.05 -10.09 28.62
C GLU A 360 -2.64 -8.68 28.56
N TYR A 361 -3.61 -8.49 27.67
CA TYR A 361 -4.34 -7.22 27.54
C TYR A 361 -5.07 -6.90 28.83
N ASP A 362 -5.88 -7.86 29.30
CA ASP A 362 -6.65 -7.72 30.52
C ASP A 362 -5.80 -7.15 31.67
N GLU A 363 -4.54 -7.59 31.72
CA GLU A 363 -3.59 -7.19 32.75
C GLU A 363 -3.03 -5.77 32.58
N SER A 364 -3.01 -5.24 31.36
CA SER A 364 -2.33 -3.97 31.08
C SER A 364 -3.10 -2.95 30.25
N GLY A 365 -4.26 -3.35 29.73
CA GLY A 365 -5.03 -2.46 28.87
C GLY A 365 -4.35 -2.26 27.52
N PRO A 366 -4.83 -1.32 26.70
CA PRO A 366 -4.30 -1.16 25.35
C PRO A 366 -2.85 -0.64 25.25
N SER A 367 -2.47 0.32 26.09
CA SER A 367 -1.12 0.91 26.04
C SER A 367 0.06 -0.08 26.14
N ILE A 368 -0.25 -1.38 26.20
CA ILE A 368 0.74 -2.44 26.09
C ILE A 368 1.14 -2.69 24.62
N VAL A 369 0.24 -2.37 23.70
CA VAL A 369 0.49 -2.51 22.27
C VAL A 369 1.74 -1.74 21.78
N HIS A 370 2.42 -1.03 22.69
CA HIS A 370 3.60 -0.25 22.31
C HIS A 370 4.86 -1.01 22.63
N ARG A 371 5.01 -1.35 23.90
CA ARG A 371 6.17 -2.10 24.40
C ARG A 371 6.40 -3.40 23.64
N LYS A 372 5.32 -3.99 23.13
CA LYS A 372 5.39 -5.29 22.47
C LYS A 372 5.30 -5.23 20.95
N CYS A 373 5.20 -4.02 20.37
CA CYS A 373 5.02 -3.84 18.91
C CYS A 373 6.05 -2.94 18.22
N PHE A 374 7.05 -2.50 18.99
CA PHE A 374 8.19 -1.70 18.50
C PHE A 374 8.66 -2.04 17.07
N UNK B 1 19.42 -15.23 20.85
CA UNK B 1 18.90 -13.85 20.61
C UNK B 1 17.50 -13.93 19.97
N UNK B 2 16.49 -13.36 20.65
CA UNK B 2 15.07 -13.61 20.33
C UNK B 2 14.48 -12.77 19.19
N UNK B 3 14.63 -11.44 19.24
CA UNK B 3 14.27 -10.60 18.08
C UNK B 3 15.22 -10.92 16.94
N UNK B 4 16.49 -11.15 17.26
CA UNK B 4 17.49 -11.49 16.26
C UNK B 4 17.34 -12.92 15.73
N UNK B 5 16.36 -13.66 16.25
CA UNK B 5 16.02 -14.98 15.73
C UNK B 5 14.94 -14.86 14.67
N UNK B 6 14.12 -13.82 14.74
CA UNK B 6 13.12 -13.57 13.70
C UNK B 6 13.77 -12.99 12.45
N UNK B 7 14.74 -12.09 12.65
CA UNK B 7 15.45 -11.43 11.56
C UNK B 7 16.20 -12.45 10.67
N UNK B 8 17.04 -13.27 11.32
CA UNK B 8 17.72 -14.39 10.65
C UNK B 8 16.74 -15.37 9.97
N UNK B 9 15.55 -15.52 10.55
CA UNK B 9 14.48 -16.36 9.97
C UNK B 9 13.80 -15.69 8.78
N UNK B 10 13.84 -14.36 8.78
CA UNK B 10 13.21 -13.55 7.73
C UNK B 10 14.10 -13.46 6.50
N UNK B 11 15.39 -13.24 6.73
CA UNK B 11 16.37 -13.09 5.65
C UNK B 11 16.58 -14.39 4.89
N UNK B 12 15.63 -15.32 5.06
CA UNK B 12 15.69 -16.61 4.40
C UNK B 12 14.32 -17.11 3.99
N UNK B 13 13.69 -17.84 4.91
CA UNK B 13 12.42 -18.53 4.65
C UNK B 13 11.27 -17.52 4.69
N UNK B 14 10.00 -17.92 4.47
CA UNK B 14 9.56 -19.30 4.24
C UNK B 14 8.68 -19.47 2.99
N UNK B 15 8.29 -20.72 2.72
CA UNK B 15 7.31 -21.05 1.69
C UNK B 15 5.88 -21.02 2.26
N UNK B 16 4.89 -20.74 1.41
CA UNK B 16 3.48 -20.68 1.83
C UNK B 16 2.55 -21.30 0.78
N UNK B 17 1.31 -21.60 1.17
CA UNK B 17 0.31 -22.30 0.31
C UNK B 17 0.22 -21.82 -1.17
N UNK B 18 -0.81 -22.25 -1.90
CA UNK B 18 -1.00 -21.82 -3.31
C UNK B 18 -2.44 -21.93 -3.85
N UNK B 19 -3.00 -20.78 -4.23
CA UNK B 19 -4.38 -20.69 -4.76
C UNK B 19 -4.49 -19.81 -6.00
CA CA C . -1.67 0.38 1.27
PG ATP D . -2.95 3.33 0.62
O1G ATP D . -2.86 4.65 -0.14
O2G ATP D . -1.60 2.69 0.86
O3G ATP D . -3.86 3.21 1.82
PB ATP D . -4.20 1.01 -0.59
O1B ATP D . -3.35 0.14 0.30
O2B ATP D . -5.72 0.98 -0.59
O3B ATP D . -3.73 2.54 -0.56
PA ATP D . -2.84 -0.26 -2.79
O1A ATP D . -1.48 -0.07 -2.19
O2A ATP D . -3.45 -1.64 -2.80
O3A ATP D . -3.92 0.73 -2.16
O5' ATP D . -3.00 0.33 -4.24
C5' ATP D . -4.32 0.54 -4.76
C4' ATP D . -4.13 1.59 -5.84
O4' ATP D . -3.19 1.11 -6.79
C3' ATP D . -5.37 2.01 -6.58
O3' ATP D . -5.26 3.43 -6.62
C2' ATP D . -5.13 1.56 -8.00
O2' ATP D . -5.76 2.46 -8.94
C1' ATP D . -3.60 1.46 -8.08
N9 ATP D . -3.20 0.36 -8.98
C8 ATP D . -3.60 -0.93 -8.83
N7 ATP D . -3.10 -1.70 -9.81
C5 ATP D . -2.37 -0.90 -10.59
C6 ATP D . -1.57 -1.09 -11.82
N6 ATP D . -1.50 -2.33 -12.33
N1 ATP D . -0.95 0.00 -12.35
C2 ATP D . -1.07 1.21 -11.78
N3 ATP D . -1.78 1.47 -10.67
C4 ATP D . -2.44 0.46 -10.04
#